data_3UJZ
#
_entry.id   3UJZ
#
_cell.length_a   76.530
_cell.length_b   186.000
_cell.length_c   188.760
_cell.angle_alpha   90.00
_cell.angle_beta   90.00
_cell.angle_gamma   90.00
#
_symmetry.space_group_name_H-M   'C 2 2 21'
#
loop_
_entity.id
_entity.type
_entity.pdbx_description
1 polymer 'Metalloprotease stcE'
2 non-polymer 'ZINC ION'
3 water water
#
_entity_poly.entity_id   1
_entity_poly.type   'polypeptide(L)'
_entity_poly.pdbx_seq_one_letter_code
;GSH(MSE)ASADNNSAIYFNTSQPINDLQGSLAAEVKFAQSQILPAHPKEGDSQPHLTSLRKSLLLVRPVKADDKTPVQV
EARDDNNKILGTLTLYPPSSLPDTIYHLDGVPEGGIDFTPHNGTKKIINTVAEVNKLSDASGSSIHSHLTNNALVEIHTA
NGRWVRDIYLPQGPDLEGK(MSE)VRFVSSAGYSSTVFYGDRKVTLSVGNTLLFKYVNGQWFRSGELENNRITYAQHIWS
AELPAHWIVPGLNLVIKQGNLSGRLNDIKIGAPGELLLHTIDIG(MSE)LTTPRDRFDFAADAAAHREYFQTIPVSR
(MSE)IVNNYAPLHLKEV(MSE)LPTGELLTD(MSE)DPGNGGWHSGT(MSE)RQRIGKELVSHGIDNANYGLNSTAGLG
ENSHPYVVAQLAAHNSRGNYANGIQVHGGSGGGGIVTLDSTLGNEFSHDVGHNYGLGHYVDGFKGSVHRSAENNNSTWGW
DGDKKRFIPNFYPSQTNEKSCLNNQCQEPFDGHKFGFDA(MSE)AGGSPFSAANRFT(MSE)YTPNSSAIIQRFFENKAV
FDSRSSTGFSKWNADTQE(MSE)EPYEHTIDRAEQITASVNELSESK(MSE)AEL(MSE)AEYAVVKVH(MSE)WNGNWT
RNIYIPTASADNRGSILTINHEAGYNSYLFINGDEKVVSQGYKKSFVSDGQFWKERDVVDTREARKPEQFGVPVTTLVGY
YDPEGTLSSYIYPA(MSE)YGAYGFTYSDDSQNLSDNDCQLQVDTKEGQLRFRLANHRANNTV(MSE)NKFHINVPTESQ
PTQATLVCNNKILDTKSLTPAPEGLTYTVNGQALPAKENEGCIVSVNSGKRYCLPVGQRSGYSLPDWIVGQEVYVDSGAK
AKVLLSDWDNLSYNRIGEFVGNVNPAD(MSE)KKVKAWNGQYLDFSKPRS(MSE)RVVYK
;
_entity_poly.pdbx_strand_id   A
#
# COMPACT_ATOMS: atom_id res chain seq x y z
N ASN A 10 -7.36 24.34 31.84
CA ASN A 10 -6.22 24.14 30.94
C ASN A 10 -6.66 23.47 29.64
N SER A 11 -6.30 24.10 28.48
CA SER A 11 -6.64 23.62 27.14
C SER A 11 -5.60 24.03 26.07
N ALA A 12 -5.66 23.37 24.89
CA ALA A 12 -4.84 23.58 23.69
C ALA A 12 -3.31 23.54 23.83
N ILE A 13 -2.71 22.41 23.37
CA ILE A 13 -1.27 22.15 23.32
C ILE A 13 -0.92 21.88 21.84
N TYR A 14 -0.31 22.89 21.18
CA TYR A 14 0.04 22.87 19.78
C TYR A 14 1.43 22.34 19.48
N PHE A 15 1.51 21.37 18.55
CA PHE A 15 2.76 20.73 18.12
C PHE A 15 3.58 21.70 17.23
N ASN A 16 3.05 22.01 16.05
CA ASN A 16 3.71 22.89 15.10
C ASN A 16 3.49 24.37 15.40
N THR A 17 4.42 24.97 16.15
CA THR A 17 4.37 26.40 16.44
C THR A 17 5.39 27.15 15.56
N SER A 18 5.86 26.49 14.48
CA SER A 18 6.81 27.09 13.54
C SER A 18 6.19 28.21 12.70
N GLN A 19 6.99 29.22 12.37
CA GLN A 19 6.60 30.38 11.59
C GLN A 19 6.20 29.98 10.16
N PRO A 20 4.93 30.17 9.73
CA PRO A 20 4.56 29.77 8.36
C PRO A 20 5.26 30.60 7.28
N ILE A 21 5.82 29.90 6.28
CA ILE A 21 6.50 30.51 5.14
C ILE A 21 5.55 30.35 3.95
N ASN A 22 5.39 31.44 3.19
CA ASN A 22 4.51 31.46 2.03
C ASN A 22 5.03 30.49 0.95
N ASP A 23 4.09 29.80 0.30
CA ASP A 23 4.31 28.79 -0.75
C ASP A 23 3.60 29.18 -2.05
N LEU A 24 2.82 30.26 -1.97
CA LEU A 24 2.04 30.73 -3.09
C LEU A 24 2.67 31.91 -3.83
N GLN A 25 2.14 32.20 -5.02
CA GLN A 25 2.45 33.32 -5.89
C GLN A 25 1.09 33.96 -6.03
N GLY A 26 0.97 35.17 -5.55
CA GLY A 26 -0.30 35.87 -5.55
C GLY A 26 -0.55 36.73 -4.33
N SER A 27 -1.78 37.21 -4.24
CA SER A 27 -2.33 38.06 -3.19
C SER A 27 -2.26 37.35 -1.81
N LEU A 28 -2.64 36.07 -1.77
CA LEU A 28 -2.68 35.26 -0.56
C LEU A 28 -1.34 34.65 -0.21
N ALA A 29 -0.90 34.88 1.04
CA ALA A 29 0.30 34.32 1.61
C ALA A 29 -0.15 33.18 2.53
N ALA A 30 0.21 31.97 2.18
CA ALA A 30 -0.15 30.80 2.97
C ALA A 30 0.87 29.70 2.84
N GLU A 31 1.02 28.91 3.91
CA GLU A 31 1.88 27.74 3.93
C GLU A 31 0.97 26.58 3.49
N VAL A 32 1.49 25.65 2.69
CA VAL A 32 0.71 24.51 2.21
C VAL A 32 1.42 23.23 2.58
N LYS A 33 0.64 22.26 3.10
CA LYS A 33 1.10 20.93 3.42
C LYS A 33 0.14 19.94 2.89
N PHE A 34 0.65 18.78 2.49
CA PHE A 34 -0.13 17.65 2.02
C PHE A 34 0.07 16.56 3.04
N ALA A 35 -0.74 15.51 2.98
CA ALA A 35 -0.64 14.42 3.94
C ALA A 35 -1.13 13.09 3.38
N GLN A 36 -0.20 12.19 3.12
CA GLN A 36 -0.53 10.85 2.64
C GLN A 36 -0.14 9.81 3.70
N SER A 37 1.09 9.32 3.61
CA SER A 37 1.63 8.41 4.61
C SER A 37 2.18 9.22 5.77
N GLN A 38 2.27 10.53 5.54
CA GLN A 38 2.77 11.47 6.56
C GLN A 38 2.45 12.87 6.09
N ILE A 39 2.54 13.88 6.99
CA ILE A 39 2.45 15.30 6.62
C ILE A 39 3.74 15.59 5.83
N LEU A 40 3.60 16.18 4.63
CA LEU A 40 4.76 16.53 3.81
C LEU A 40 4.57 17.96 3.34
N PRO A 41 5.68 18.74 3.21
CA PRO A 41 5.50 20.14 2.80
C PRO A 41 5.33 20.31 1.30
N ALA A 42 4.74 21.46 0.86
CA ALA A 42 4.56 21.83 -0.56
C ALA A 42 5.95 22.12 -1.12
N HIS A 43 6.79 22.79 -0.29
CA HIS A 43 8.15 23.20 -0.58
C HIS A 43 9.09 22.75 0.54
N PRO A 44 9.87 21.67 0.32
CA PRO A 44 10.78 21.22 1.40
C PRO A 44 11.90 22.21 1.72
N LYS A 45 12.18 22.41 3.04
CA LYS A 45 13.24 23.28 3.55
C LYS A 45 14.59 22.84 3.02
N GLU A 46 15.60 23.75 3.05
CA GLU A 46 16.93 23.41 2.61
C GLU A 46 17.50 22.35 3.53
N GLY A 47 17.98 21.27 2.93
CA GLY A 47 18.59 20.15 3.64
C GLY A 47 17.62 19.23 4.35
N ASP A 48 16.32 19.37 4.12
CA ASP A 48 15.34 18.48 4.72
C ASP A 48 15.03 17.38 3.71
N SER A 49 14.89 16.15 4.18
CA SER A 49 14.58 15.03 3.30
C SER A 49 13.17 14.60 3.59
N GLN A 50 12.26 14.87 2.68
CA GLN A 50 10.85 14.56 2.89
C GLN A 50 10.30 13.86 1.67
N PRO A 51 9.32 12.94 1.82
CA PRO A 51 8.69 12.38 0.63
C PRO A 51 7.85 13.44 -0.05
N HIS A 52 7.61 13.29 -1.36
CA HIS A 52 6.75 14.19 -2.13
C HIS A 52 5.40 13.47 -2.33
N LEU A 53 4.42 14.12 -2.98
CA LEU A 53 3.12 13.52 -3.21
C LEU A 53 3.27 12.30 -4.09
N THR A 54 2.57 11.21 -3.71
CA THR A 54 2.51 9.97 -4.49
C THR A 54 1.19 10.02 -5.30
N SER A 55 1.26 9.71 -6.60
CA SER A 55 0.11 9.73 -7.52
C SER A 55 -0.97 8.77 -7.08
N LEU A 56 -2.23 9.13 -7.36
CA LEU A 56 -3.38 8.26 -7.11
C LEU A 56 -3.56 7.76 -5.68
N ARG A 57 -3.48 8.69 -4.71
CA ARG A 57 -3.74 8.40 -3.29
C ARG A 57 -4.33 9.65 -2.69
N LYS A 58 -5.52 9.54 -2.06
CA LYS A 58 -6.25 10.60 -1.37
C LYS A 58 -5.31 11.40 -0.49
N SER A 59 -5.36 12.72 -0.63
CA SER A 59 -4.46 13.58 0.13
C SER A 59 -5.19 14.65 0.92
N LEU A 60 -4.78 14.82 2.18
CA LEU A 60 -5.29 15.89 3.03
C LEU A 60 -4.62 17.15 2.54
N LEU A 61 -5.30 18.29 2.61
CA LEU A 61 -4.69 19.54 2.20
C LEU A 61 -4.74 20.44 3.39
N LEU A 62 -3.57 20.88 3.88
CA LEU A 62 -3.53 21.80 5.02
C LEU A 62 -3.08 23.17 4.54
N VAL A 63 -3.90 24.21 4.80
CA VAL A 63 -3.62 25.60 4.41
C VAL A 63 -3.55 26.49 5.65
N ARG A 64 -2.36 27.10 5.88
CA ARG A 64 -2.07 27.99 7.02
C ARG A 64 -1.73 29.40 6.51
N PRO A 65 -2.73 30.32 6.49
CA PRO A 65 -2.45 31.69 6.01
C PRO A 65 -1.42 32.40 6.88
N VAL A 66 -0.30 32.85 6.27
CA VAL A 66 0.79 33.55 6.97
C VAL A 66 0.21 34.61 7.95
N LYS A 67 -0.74 35.40 7.45
CA LYS A 67 -1.51 36.40 8.19
C LYS A 67 -2.83 35.67 8.54
N ALA A 68 -2.94 35.21 9.81
CA ALA A 68 -4.07 34.39 10.28
C ALA A 68 -5.46 35.00 10.18
N ASP A 69 -6.40 34.18 9.70
CA ASP A 69 -7.82 34.46 9.53
C ASP A 69 -8.56 33.11 9.57
N ASP A 70 -9.12 32.79 10.75
CA ASP A 70 -9.84 31.54 11.01
C ASP A 70 -11.33 31.67 10.73
N LYS A 71 -11.77 32.88 10.35
CA LYS A 71 -13.17 33.19 10.08
C LYS A 71 -13.53 33.25 8.59
N THR A 72 -12.73 33.97 7.76
CA THR A 72 -12.97 34.11 6.31
C THR A 72 -12.86 32.76 5.59
N PRO A 73 -13.96 32.32 4.91
CA PRO A 73 -13.93 31.04 4.20
C PRO A 73 -12.79 30.92 3.20
N VAL A 74 -12.12 29.76 3.22
CA VAL A 74 -11.02 29.40 2.34
C VAL A 74 -11.56 28.39 1.32
N GLN A 75 -11.22 28.62 0.05
CA GLN A 75 -11.62 27.75 -1.05
C GLN A 75 -10.41 27.34 -1.86
N VAL A 76 -10.49 26.16 -2.47
CA VAL A 76 -9.42 25.62 -3.30
C VAL A 76 -10.02 25.18 -4.61
N GLU A 77 -9.40 25.62 -5.71
CA GLU A 77 -9.77 25.23 -7.05
C GLU A 77 -8.58 24.46 -7.61
N ALA A 78 -8.82 23.19 -7.94
CA ALA A 78 -7.83 22.29 -8.50
C ALA A 78 -8.00 22.21 -10.01
N ARG A 79 -6.90 22.26 -10.73
CA ARG A 79 -6.83 22.16 -12.18
C ARG A 79 -5.75 21.12 -12.53
N ASP A 80 -5.99 20.37 -13.60
CA ASP A 80 -5.05 19.37 -14.10
C ASP A 80 -4.01 20.02 -15.05
N ASP A 81 -3.16 19.19 -15.70
CA ASP A 81 -2.11 19.61 -16.62
C ASP A 81 -2.63 20.44 -17.81
N ASN A 82 -3.83 20.07 -18.32
CA ASN A 82 -4.53 20.72 -19.44
C ASN A 82 -5.27 22.00 -19.01
N ASN A 83 -5.21 22.34 -17.70
CA ASN A 83 -5.84 23.49 -17.05
C ASN A 83 -7.38 23.41 -17.02
N LYS A 84 -7.92 22.18 -16.87
CA LYS A 84 -9.36 21.91 -16.74
C LYS A 84 -9.68 21.87 -15.25
N ILE A 85 -10.75 22.58 -14.84
CA ILE A 85 -11.14 22.61 -13.44
C ILE A 85 -11.60 21.21 -13.00
N LEU A 86 -10.92 20.65 -11.99
CA LEU A 86 -11.15 19.31 -11.43
C LEU A 86 -12.28 19.36 -10.40
N GLY A 87 -12.28 20.42 -9.60
CA GLY A 87 -13.24 20.63 -8.53
C GLY A 87 -12.92 21.86 -7.70
N THR A 88 -13.81 22.17 -6.78
CA THR A 88 -13.71 23.29 -5.87
C THR A 88 -14.06 22.77 -4.47
N LEU A 89 -13.20 23.05 -3.51
CA LEU A 89 -13.44 22.63 -2.16
C LEU A 89 -13.53 23.79 -1.23
N THR A 90 -14.36 23.62 -0.22
CA THR A 90 -14.58 24.63 0.77
C THR A 90 -14.05 24.11 2.08
N LEU A 91 -12.93 24.63 2.50
CA LEU A 91 -12.17 24.08 3.61
C LEU A 91 -12.86 24.14 4.95
N TYR A 92 -12.42 23.31 5.87
CA TYR A 92 -12.90 23.29 7.25
C TYR A 92 -12.10 24.29 8.09
N PRO A 93 -12.75 25.07 8.99
CA PRO A 93 -12.00 26.08 9.78
C PRO A 93 -10.99 25.46 10.74
N PRO A 94 -9.96 26.21 11.24
CA PRO A 94 -9.00 25.61 12.20
C PRO A 94 -9.62 24.81 13.34
N SER A 95 -10.81 25.22 13.82
CA SER A 95 -11.61 24.56 14.86
C SER A 95 -11.98 23.10 14.48
N SER A 96 -12.11 22.81 13.15
CA SER A 96 -12.46 21.51 12.59
C SER A 96 -11.24 20.67 12.10
N LEU A 97 -9.97 21.17 12.34
CA LEU A 97 -8.71 20.49 11.99
C LEU A 97 -8.74 19.06 12.56
N PRO A 98 -8.37 18.01 11.78
CA PRO A 98 -8.40 16.65 12.34
C PRO A 98 -7.60 16.50 13.61
N ASP A 99 -8.17 15.76 14.59
CA ASP A 99 -7.54 15.47 15.87
C ASP A 99 -6.46 14.34 15.75
N THR A 100 -5.75 14.09 16.88
CA THR A 100 -4.76 13.02 16.99
C THR A 100 -5.53 11.74 17.27
N ILE A 101 -4.86 10.62 17.09
CA ILE A 101 -5.43 9.32 17.38
C ILE A 101 -5.52 9.05 18.91
N TYR A 102 -4.96 9.97 19.73
CA TYR A 102 -4.97 9.93 21.20
C TYR A 102 -6.20 10.68 21.78
N HIS A 103 -7.01 11.31 20.90
CA HIS A 103 -8.22 12.05 21.29
C HIS A 103 -9.35 11.11 21.72
N LEU A 104 -10.13 11.53 22.72
CA LEU A 104 -11.28 10.80 23.27
C LEU A 104 -12.55 11.66 23.21
N ASP A 105 -13.70 11.01 23.00
CA ASP A 105 -15.01 11.66 22.87
C ASP A 105 -15.69 11.92 24.24
N GLY A 106 -15.67 13.19 24.67
CA GLY A 106 -16.24 13.65 25.94
C GLY A 106 -15.77 15.05 26.31
N VAL A 107 -16.73 16.00 26.43
CA VAL A 107 -16.49 17.44 26.72
C VAL A 107 -16.54 17.82 28.22
N PRO A 108 -15.42 18.34 28.81
CA PRO A 108 -15.44 18.76 30.22
C PRO A 108 -15.80 20.23 30.41
N LEU A 219 -5.10 11.53 31.66
CA LEU A 219 -5.47 11.36 30.26
C LEU A 219 -5.60 12.73 29.56
N GLU A 220 -4.54 13.53 29.60
CA GLU A 220 -4.55 14.88 29.03
C GLU A 220 -3.91 14.98 27.63
N ASN A 221 -3.96 13.89 26.88
CA ASN A 221 -3.48 13.84 25.50
C ASN A 221 -4.44 14.51 24.55
N ASN A 222 -5.72 14.63 24.95
CA ASN A 222 -6.79 15.29 24.20
C ASN A 222 -6.50 16.77 23.93
N ARG A 223 -5.61 17.38 24.74
CA ARG A 223 -5.17 18.77 24.63
C ARG A 223 -4.31 18.96 23.36
N ILE A 224 -3.61 17.90 22.89
CA ILE A 224 -2.72 17.92 21.72
C ILE A 224 -3.48 18.15 20.43
N THR A 225 -2.96 19.07 19.61
CA THR A 225 -3.48 19.50 18.31
C THR A 225 -2.24 19.81 17.49
N TYR A 226 -2.24 19.48 16.18
CA TYR A 226 -1.09 19.69 15.31
C TYR A 226 -0.59 21.12 15.28
N ALA A 227 -1.45 22.07 14.96
CA ALA A 227 -1.09 23.49 14.92
C ALA A 227 -2.33 24.32 15.03
N GLN A 228 -2.16 25.61 15.34
CA GLN A 228 -3.29 26.54 15.32
C GLN A 228 -3.34 27.24 13.96
N HIS A 229 -4.52 27.75 13.58
CA HIS A 229 -4.78 28.47 12.34
C HIS A 229 -4.68 27.65 11.02
N ILE A 230 -4.79 26.31 11.10
CA ILE A 230 -4.72 25.48 9.89
C ILE A 230 -6.09 25.08 9.33
N TRP A 231 -6.34 25.46 8.06
CA TRP A 231 -7.55 25.09 7.32
C TRP A 231 -7.31 23.72 6.60
N SER A 232 -8.38 22.93 6.39
CA SER A 232 -8.20 21.63 5.77
C SER A 232 -9.31 21.14 4.86
N ALA A 233 -8.91 20.25 3.94
CA ALA A 233 -9.81 19.59 3.00
C ALA A 233 -9.18 18.29 2.55
N GLU A 234 -9.96 17.46 1.87
CA GLU A 234 -9.52 16.18 1.34
C GLU A 234 -9.50 16.26 -0.18
N LEU A 235 -8.31 16.08 -0.77
CA LEU A 235 -8.15 16.11 -2.22
C LEU A 235 -8.33 14.67 -2.73
N PRO A 236 -9.34 14.37 -3.61
CA PRO A 236 -9.48 13.00 -4.12
C PRO A 236 -8.23 12.48 -4.83
N ALA A 237 -8.05 11.17 -4.80
CA ALA A 237 -6.94 10.44 -5.40
C ALA A 237 -6.69 10.77 -6.88
N HIS A 238 -7.76 10.84 -7.70
CA HIS A 238 -7.61 11.09 -9.14
C HIS A 238 -7.11 12.48 -9.53
N TRP A 239 -7.03 13.41 -8.57
CA TRP A 239 -6.49 14.76 -8.72
C TRP A 239 -4.97 14.70 -8.54
N ILE A 240 -4.49 13.82 -7.65
CA ILE A 240 -3.05 13.67 -7.37
C ILE A 240 -2.39 12.91 -8.52
N VAL A 241 -2.03 13.68 -9.54
CA VAL A 241 -1.45 13.26 -10.82
C VAL A 241 -0.54 14.42 -11.29
N PRO A 242 0.67 14.15 -11.83
CA PRO A 242 1.53 15.26 -12.31
C PRO A 242 0.77 16.27 -13.17
N GLY A 243 0.96 17.55 -12.86
CA GLY A 243 0.31 18.64 -13.56
C GLY A 243 -0.67 19.41 -12.70
N LEU A 244 -1.14 18.76 -11.61
CA LEU A 244 -2.07 19.36 -10.65
C LEU A 244 -1.56 20.71 -10.14
N ASN A 245 -2.46 21.70 -10.21
CA ASN A 245 -2.24 23.06 -9.73
C ASN A 245 -3.45 23.53 -8.94
N LEU A 246 -3.17 24.26 -7.86
CA LEU A 246 -4.17 24.81 -6.96
C LEU A 246 -4.21 26.31 -6.99
N VAL A 247 -5.41 26.84 -6.81
CA VAL A 247 -5.68 28.26 -6.67
C VAL A 247 -6.48 28.32 -5.36
N ILE A 248 -5.88 28.90 -4.33
CA ILE A 248 -6.48 29.03 -3.01
C ILE A 248 -6.97 30.48 -2.86
N LYS A 249 -8.20 30.67 -2.37
CA LYS A 249 -8.78 31.99 -2.21
C LYS A 249 -9.28 32.21 -0.79
N GLN A 250 -8.93 33.35 -0.15
CA GLN A 250 -9.47 33.71 1.17
C GLN A 250 -10.12 35.08 1.09
N GLY A 251 -11.36 35.06 0.63
CA GLY A 251 -12.11 36.27 0.35
C GLY A 251 -11.51 36.91 -0.88
N ASN A 252 -11.17 38.22 -0.78
CA ASN A 252 -10.58 39.04 -1.84
C ASN A 252 -9.16 38.62 -2.18
N LEU A 253 -8.54 37.81 -1.33
CA LEU A 253 -7.16 37.36 -1.52
C LEU A 253 -7.14 36.03 -2.23
N SER A 254 -6.11 35.80 -3.07
CA SER A 254 -5.92 34.54 -3.82
C SER A 254 -4.43 34.24 -4.06
N GLY A 255 -4.07 32.97 -4.13
CA GLY A 255 -2.70 32.54 -4.40
C GLY A 255 -2.68 31.27 -5.22
N ARG A 256 -1.57 31.01 -5.93
CA ARG A 256 -1.43 29.80 -6.75
C ARG A 256 -0.22 28.98 -6.34
N LEU A 257 -0.40 27.65 -6.37
CA LEU A 257 0.62 26.64 -6.11
C LEU A 257 0.63 25.85 -7.39
N ASN A 258 1.62 26.14 -8.27
CA ASN A 258 1.74 25.57 -9.62
C ASN A 258 3.04 24.76 -9.88
N ASP A 259 3.77 24.37 -8.83
CA ASP A 259 5.01 23.62 -8.98
C ASP A 259 4.99 22.31 -8.16
N ILE A 260 3.79 21.75 -7.95
CA ILE A 260 3.53 20.51 -7.18
C ILE A 260 4.24 19.28 -7.75
N LYS A 261 5.21 18.71 -6.98
CA LYS A 261 5.91 17.50 -7.39
C LYS A 261 5.08 16.28 -7.04
N ILE A 262 4.68 15.50 -8.05
CA ILE A 262 3.92 14.25 -7.88
C ILE A 262 4.70 13.06 -8.49
N GLY A 263 4.94 12.05 -7.67
CA GLY A 263 5.65 10.87 -8.09
C GLY A 263 4.74 9.78 -8.60
N ALA A 264 5.34 8.67 -9.06
CA ALA A 264 4.67 7.48 -9.59
C ALA A 264 3.64 6.88 -8.65
N PRO A 265 2.54 6.27 -9.18
CA PRO A 265 1.62 5.53 -8.31
C PRO A 265 2.28 4.18 -7.93
N GLY A 266 3.06 4.22 -6.84
CA GLY A 266 3.79 3.07 -6.32
C GLY A 266 2.90 1.92 -5.92
N GLU A 267 3.42 0.69 -6.09
CA GLU A 267 2.68 -0.53 -5.74
C GLU A 267 3.55 -1.47 -4.95
N LEU A 268 2.94 -2.17 -3.98
CA LEU A 268 3.55 -3.22 -3.17
C LEU A 268 2.67 -4.50 -3.18
N LEU A 269 3.28 -5.63 -3.57
CA LEU A 269 2.60 -6.91 -3.53
C LEU A 269 3.30 -7.73 -2.46
N LEU A 270 2.54 -8.11 -1.42
CA LEU A 270 3.09 -8.86 -0.29
C LEU A 270 2.39 -10.21 -0.08
N HIS A 271 3.16 -11.33 -0.19
CA HIS A 271 2.65 -12.70 0.02
C HIS A 271 2.89 -13.14 1.45
N THR A 272 1.97 -13.91 2.00
CA THR A 272 2.13 -14.41 3.38
C THR A 272 1.99 -15.93 3.43
N ILE A 273 2.99 -16.58 4.03
CA ILE A 273 3.00 -18.03 4.18
C ILE A 273 3.61 -18.41 5.50
N ASP A 274 3.03 -19.41 6.16
CA ASP A 274 3.51 -19.93 7.43
C ASP A 274 4.09 -21.29 7.10
N ILE A 275 5.42 -21.44 7.25
CA ILE A 275 6.16 -22.66 6.93
C ILE A 275 6.53 -23.43 8.17
N GLY A 276 6.21 -24.73 8.16
CA GLY A 276 6.59 -25.73 9.15
C GLY A 276 7.59 -26.65 8.49
N LEU A 278 9.88 -29.82 9.16
CA LEU A 278 10.07 -31.03 9.99
C LEU A 278 9.31 -30.88 11.33
N THR A 279 8.32 -29.99 11.32
CA THR A 279 7.37 -29.66 12.38
C THR A 279 6.16 -29.04 11.68
N THR A 280 5.13 -28.76 12.47
CA THR A 280 3.89 -28.14 12.04
C THR A 280 4.14 -26.63 11.97
N PRO A 281 3.41 -25.87 11.11
CA PRO A 281 3.62 -24.40 11.05
C PRO A 281 3.31 -23.79 12.43
N ARG A 282 4.10 -22.79 12.85
CA ARG A 282 3.98 -22.17 14.19
C ARG A 282 2.58 -21.69 14.55
N ASP A 283 1.82 -21.25 13.54
CA ASP A 283 0.48 -20.68 13.64
C ASP A 283 0.41 -19.39 14.49
N ARG A 284 1.40 -18.52 14.28
CA ARG A 284 1.52 -17.26 14.99
C ARG A 284 1.83 -16.09 14.01
N PHE A 285 1.27 -16.16 12.78
CA PHE A 285 1.44 -15.15 11.73
C PHE A 285 0.29 -14.14 11.87
N ASP A 286 0.27 -13.41 13.00
CA ASP A 286 -0.76 -12.43 13.37
C ASP A 286 -1.14 -11.50 12.22
N PHE A 287 -0.11 -10.92 11.53
CA PHE A 287 -0.23 -10.00 10.38
C PHE A 287 -1.11 -10.63 9.32
N ALA A 288 -0.71 -11.82 8.82
CA ALA A 288 -1.45 -12.54 7.79
C ALA A 288 -2.95 -12.80 8.14
N ALA A 289 -3.21 -13.13 9.41
CA ALA A 289 -4.55 -13.42 9.91
C ALA A 289 -5.35 -12.17 10.22
N ASP A 290 -4.73 -10.97 10.14
CA ASP A 290 -5.42 -9.71 10.46
C ASP A 290 -5.42 -8.71 9.31
N ALA A 291 -6.61 -8.57 8.66
CA ALA A 291 -6.87 -7.63 7.56
C ALA A 291 -6.57 -6.20 7.96
N ALA A 292 -6.97 -5.78 9.19
CA ALA A 292 -6.77 -4.42 9.71
C ALA A 292 -5.27 -4.09 9.81
N ALA A 293 -4.41 -5.10 10.07
CA ALA A 293 -2.99 -4.87 10.12
C ALA A 293 -2.47 -4.51 8.71
N HIS A 294 -3.04 -5.10 7.63
CA HIS A 294 -2.62 -4.78 6.25
C HIS A 294 -2.87 -3.32 5.97
N ARG A 295 -4.08 -2.83 6.37
CA ARG A 295 -4.56 -1.45 6.29
C ARG A 295 -3.67 -0.52 7.14
N GLU A 296 -3.38 -0.92 8.42
CA GLU A 296 -2.53 -0.16 9.35
C GLU A 296 -1.15 0.02 8.74
N TYR A 297 -0.58 -1.04 8.14
CA TYR A 297 0.74 -0.91 7.52
C TYR A 297 0.70 0.03 6.28
N PHE A 298 -0.34 -0.07 5.46
CA PHE A 298 -0.50 0.80 4.29
C PHE A 298 -0.37 2.32 4.62
N GLN A 299 -0.86 2.75 5.81
CA GLN A 299 -0.83 4.15 6.30
C GLN A 299 0.55 4.71 6.50
N THR A 300 1.56 3.84 6.64
CA THR A 300 2.95 4.18 6.99
C THR A 300 3.92 4.27 5.81
N ILE A 301 3.51 3.75 4.66
CA ILE A 301 4.35 3.68 3.47
C ILE A 301 3.80 4.52 2.28
N PRO A 302 4.70 5.20 1.52
CA PRO A 302 4.22 6.04 0.39
C PRO A 302 3.89 5.32 -0.92
N VAL A 303 2.85 4.47 -0.92
CA VAL A 303 2.33 3.75 -2.11
C VAL A 303 0.92 4.14 -2.49
N SER A 304 0.53 3.81 -3.73
CA SER A 304 -0.82 4.04 -4.25
C SER A 304 -1.68 2.78 -3.98
N ARG A 305 -1.08 1.59 -4.16
CA ARG A 305 -1.75 0.31 -3.94
C ARG A 305 -0.86 -0.70 -3.19
N ILE A 307 -1.26 -4.91 -2.07
CA ILE A 307 -1.97 -6.18 -2.07
C ILE A 307 -1.28 -7.15 -1.12
N VAL A 308 -2.05 -7.69 -0.15
CA VAL A 308 -1.59 -8.72 0.77
C VAL A 308 -2.24 -10.04 0.41
N ASN A 309 -1.46 -10.92 -0.23
CA ASN A 309 -1.90 -12.24 -0.69
C ASN A 309 -1.65 -13.35 0.33
N ASN A 310 -2.72 -14.02 0.72
CA ASN A 310 -2.66 -15.16 1.64
C ASN A 310 -2.27 -16.46 0.92
N TYR A 311 -1.26 -17.15 1.45
CA TYR A 311 -0.93 -18.51 0.99
C TYR A 311 -1.34 -19.45 2.12
N ALA A 312 -1.83 -20.66 1.79
CA ALA A 312 -2.24 -21.66 2.80
C ALA A 312 -0.98 -22.08 3.56
N PRO A 313 -1.05 -22.36 4.90
CA PRO A 313 0.18 -22.74 5.63
C PRO A 313 0.82 -23.99 5.06
N LEU A 314 2.16 -24.00 4.97
CA LEU A 314 2.92 -25.13 4.43
C LEU A 314 3.45 -26.02 5.55
N HIS A 315 3.15 -27.31 5.44
CA HIS A 315 3.59 -28.29 6.42
C HIS A 315 4.49 -29.33 5.75
N LEU A 316 5.78 -29.34 6.14
CA LEU A 316 6.79 -30.23 5.57
C LEU A 316 7.28 -31.24 6.60
N LYS A 317 6.78 -32.49 6.51
CA LYS A 317 7.08 -33.63 7.38
C LYS A 317 8.40 -34.28 6.95
N GLU A 318 8.68 -34.16 5.63
CA GLU A 318 9.94 -34.56 4.97
C GLU A 318 10.48 -33.26 4.35
N VAL A 319 11.79 -33.10 4.27
CA VAL A 319 12.43 -31.94 3.63
C VAL A 319 13.53 -32.50 2.71
N LEU A 321 16.76 -31.60 0.12
CA LEU A 321 17.74 -30.55 -0.16
C LEU A 321 18.29 -30.64 -1.60
N PRO A 322 18.80 -29.51 -2.20
CA PRO A 322 19.34 -29.60 -3.57
C PRO A 322 20.56 -30.52 -3.74
N THR A 323 21.14 -30.99 -2.63
CA THR A 323 22.27 -31.93 -2.62
C THR A 323 21.72 -33.36 -2.83
N GLY A 324 20.40 -33.50 -2.78
CA GLY A 324 19.71 -34.77 -2.95
C GLY A 324 19.62 -35.57 -1.66
N GLU A 325 19.59 -34.87 -0.52
CA GLU A 325 19.54 -35.43 0.82
C GLU A 325 18.16 -35.25 1.47
N LEU A 326 17.40 -36.35 1.65
CA LEU A 326 16.08 -36.29 2.28
C LEU A 326 16.20 -36.25 3.80
N LEU A 327 15.52 -35.27 4.41
CA LEU A 327 15.46 -35.08 5.86
C LEU A 327 14.11 -35.55 6.39
N THR A 328 14.15 -36.03 7.61
CA THR A 328 13.00 -36.42 8.36
C THR A 328 13.45 -36.39 9.79
N ASP A 329 12.68 -35.75 10.64
CA ASP A 329 13.06 -35.64 12.03
C ASP A 329 13.85 -34.38 12.33
N ASP A 331 17.21 -31.46 10.93
CA ASP A 331 18.26 -30.94 10.05
C ASP A 331 19.56 -31.29 10.82
N PRO A 332 20.56 -31.95 10.18
CA PRO A 332 21.77 -32.38 10.94
C PRO A 332 22.62 -31.25 11.50
N GLY A 333 22.45 -30.05 10.97
CA GLY A 333 23.18 -28.89 11.44
C GLY A 333 22.37 -28.16 12.48
N ASN A 334 22.92 -27.06 12.97
CA ASN A 334 22.25 -26.22 13.95
C ASN A 334 21.42 -25.16 13.26
N GLY A 335 20.42 -24.67 13.98
CA GLY A 335 19.54 -23.60 13.53
C GLY A 335 19.49 -22.53 14.60
N GLY A 336 18.94 -21.41 14.24
CA GLY A 336 18.82 -20.29 15.15
C GLY A 336 17.84 -19.29 14.62
N TRP A 337 17.99 -18.05 15.06
CA TRP A 337 17.12 -17.01 14.63
C TRP A 337 17.42 -16.61 13.20
N HIS A 338 18.72 -16.49 12.87
CA HIS A 338 19.28 -16.03 11.60
C HIS A 338 19.92 -17.13 10.83
N SER A 339 19.90 -18.39 11.35
CA SER A 339 20.65 -19.49 10.77
C SER A 339 19.93 -20.81 10.75
N GLY A 340 20.55 -21.76 10.05
CA GLY A 340 20.07 -23.10 9.76
C GLY A 340 20.00 -23.30 8.26
N THR A 341 20.35 -24.50 7.76
CA THR A 341 20.29 -24.81 6.32
C THR A 341 18.86 -24.68 5.74
N ARG A 343 16.28 -22.92 6.85
CA ARG A 343 15.93 -21.49 6.88
C ARG A 343 16.24 -20.81 5.53
N GLN A 344 17.38 -21.18 4.94
CA GLN A 344 17.90 -20.61 3.70
C GLN A 344 17.42 -21.32 2.46
N ARG A 345 17.70 -22.62 2.35
CA ARG A 345 17.34 -23.41 1.18
C ARG A 345 15.81 -23.44 0.96
N ILE A 346 15.06 -23.77 2.01
CA ILE A 346 13.62 -23.95 1.95
C ILE A 346 12.87 -22.68 2.22
N GLY A 347 12.87 -22.24 3.48
CA GLY A 347 12.19 -21.01 3.89
C GLY A 347 12.35 -19.86 2.90
N LYS A 348 13.61 -19.54 2.55
CA LYS A 348 13.92 -18.43 1.65
C LYS A 348 13.88 -18.72 0.13
N GLU A 349 14.80 -19.55 -0.39
CA GLU A 349 14.96 -19.82 -1.81
C GLU A 349 13.83 -20.58 -2.49
N LEU A 350 13.45 -21.75 -1.92
CA LEU A 350 12.42 -22.59 -2.50
C LEU A 350 11.00 -22.03 -2.38
N VAL A 351 10.58 -21.66 -1.17
CA VAL A 351 9.23 -21.15 -0.90
C VAL A 351 9.10 -19.69 -1.33
N SER A 352 9.76 -18.75 -0.61
CA SER A 352 9.68 -17.31 -0.88
C SER A 352 10.11 -16.88 -2.29
N HIS A 353 11.34 -17.24 -2.73
CA HIS A 353 11.73 -16.89 -4.10
C HIS A 353 11.01 -17.78 -5.13
N GLY A 354 10.42 -18.87 -4.66
CA GLY A 354 9.60 -19.75 -5.50
C GLY A 354 8.32 -19.05 -5.89
N ILE A 355 7.65 -18.43 -4.89
CA ILE A 355 6.41 -17.66 -5.02
C ILE A 355 6.67 -16.40 -5.88
N ASP A 356 7.79 -15.72 -5.61
CA ASP A 356 8.20 -14.52 -6.35
C ASP A 356 8.51 -14.86 -7.84
N ASN A 357 9.32 -15.91 -8.07
CA ASN A 357 9.74 -16.36 -9.40
C ASN A 357 8.64 -16.90 -10.26
N ALA A 358 7.70 -17.64 -9.64
CA ALA A 358 6.55 -18.20 -10.35
C ALA A 358 5.69 -17.05 -10.91
N ASN A 359 5.49 -15.98 -10.10
CA ASN A 359 4.76 -14.79 -10.52
C ASN A 359 5.44 -13.99 -11.64
N TYR A 360 6.77 -14.16 -11.75
CA TYR A 360 7.59 -13.56 -12.80
C TYR A 360 7.64 -14.49 -14.05
N GLY A 361 7.22 -15.74 -13.89
CA GLY A 361 7.19 -16.72 -14.97
C GLY A 361 8.42 -17.60 -15.10
N LEU A 362 9.45 -17.38 -14.27
CA LEU A 362 10.66 -18.21 -14.32
C LEU A 362 10.35 -19.64 -13.87
N ASN A 363 10.41 -20.58 -14.83
CA ASN A 363 10.12 -21.97 -14.56
C ASN A 363 11.16 -22.65 -13.71
N SER A 364 12.46 -22.36 -13.97
CA SER A 364 13.59 -22.93 -13.24
C SER A 364 14.75 -21.97 -12.99
N THR A 365 15.48 -22.21 -11.87
CA THR A 365 16.67 -21.50 -11.37
C THR A 365 17.54 -22.52 -10.60
N ALA A 366 18.76 -22.13 -10.16
CA ALA A 366 19.65 -22.97 -9.36
C ALA A 366 19.04 -23.21 -7.97
N GLY A 367 19.33 -24.35 -7.35
CA GLY A 367 18.85 -24.70 -6.02
C GLY A 367 19.67 -24.13 -4.88
N LEU A 368 20.71 -23.35 -5.23
CA LEU A 368 21.61 -22.63 -4.33
C LEU A 368 21.70 -21.21 -4.89
N GLY A 369 21.47 -20.19 -4.04
CA GLY A 369 21.59 -18.80 -4.44
C GLY A 369 20.31 -17.98 -4.44
N GLU A 370 20.46 -16.65 -4.32
CA GLU A 370 19.36 -15.70 -4.32
C GLU A 370 19.38 -14.75 -5.52
N ASN A 371 20.51 -14.70 -6.25
CA ASN A 371 20.74 -13.80 -7.37
C ASN A 371 19.88 -14.11 -8.59
N SER A 372 19.39 -15.34 -8.70
CA SER A 372 18.53 -15.81 -9.80
C SER A 372 17.15 -15.10 -9.84
N HIS A 373 16.73 -14.52 -8.68
CA HIS A 373 15.49 -13.75 -8.51
C HIS A 373 15.64 -12.37 -9.22
N PRO A 374 14.76 -12.03 -10.21
CA PRO A 374 14.94 -10.76 -10.93
C PRO A 374 14.55 -9.48 -10.21
N TYR A 375 13.62 -9.55 -9.22
CA TYR A 375 13.15 -8.42 -8.41
C TYR A 375 12.84 -7.16 -9.25
N VAL A 376 11.97 -7.31 -10.28
CA VAL A 376 11.58 -6.23 -11.20
C VAL A 376 10.38 -5.39 -10.68
N VAL A 377 9.53 -6.03 -9.88
CA VAL A 377 8.34 -5.47 -9.24
C VAL A 377 8.64 -5.45 -7.74
N ALA A 378 8.04 -4.52 -6.98
CA ALA A 378 8.17 -4.49 -5.53
C ALA A 378 7.21 -5.59 -4.97
N GLN A 379 7.62 -6.87 -5.19
CA GLN A 379 6.94 -8.09 -4.77
C GLN A 379 7.77 -8.76 -3.69
N LEU A 380 7.17 -8.97 -2.53
CA LEU A 380 7.83 -9.56 -1.36
C LEU A 380 7.05 -10.78 -0.90
N ALA A 381 7.77 -11.86 -0.56
CA ALA A 381 7.13 -13.04 -0.04
C ALA A 381 7.55 -13.14 1.41
N ALA A 382 6.63 -12.76 2.32
CA ALA A 382 6.86 -12.77 3.78
C ALA A 382 6.47 -14.11 4.34
N HIS A 383 7.30 -14.68 5.23
CA HIS A 383 7.01 -15.97 5.81
C HIS A 383 7.33 -16.05 7.28
N ASN A 384 6.80 -17.08 7.92
CA ASN A 384 7.17 -17.52 9.26
C ASN A 384 7.77 -18.88 9.00
N SER A 385 8.91 -19.14 9.61
CA SER A 385 9.68 -20.35 9.43
C SER A 385 10.20 -20.83 10.74
N ARG A 386 9.99 -22.10 11.03
CA ARG A 386 10.55 -22.78 12.20
C ARG A 386 10.82 -24.18 11.78
N GLY A 387 11.91 -24.75 12.27
CA GLY A 387 12.26 -26.12 11.93
C GLY A 387 12.92 -26.90 13.05
N ASN A 388 12.86 -28.25 12.97
CA ASN A 388 13.57 -29.06 13.97
C ASN A 388 15.02 -29.21 13.52
N TYR A 389 15.93 -28.68 14.34
CA TYR A 389 17.35 -28.76 14.08
C TYR A 389 18.04 -29.70 15.05
N ALA A 390 19.36 -29.87 14.90
CA ALA A 390 20.16 -30.71 15.80
C ALA A 390 20.32 -30.07 17.21
N ASN A 391 19.76 -28.84 17.41
CA ASN A 391 19.70 -28.09 18.67
C ASN A 391 18.22 -27.71 19.06
N GLY A 392 17.27 -28.50 18.58
CA GLY A 392 15.85 -28.34 18.90
C GLY A 392 15.04 -27.57 17.90
N ILE A 393 13.75 -27.35 18.21
CA ILE A 393 12.93 -26.56 17.31
C ILE A 393 13.37 -25.09 17.40
N GLN A 394 13.81 -24.51 16.26
CA GLN A 394 14.31 -23.12 16.17
C GLN A 394 13.39 -22.30 15.32
N VAL A 395 12.93 -21.17 15.86
CA VAL A 395 12.04 -20.23 15.17
C VAL A 395 12.90 -19.20 14.43
N HIS A 396 12.59 -18.93 13.13
CA HIS A 396 13.34 -17.98 12.31
C HIS A 396 12.76 -16.58 12.29
N GLY A 397 13.62 -15.60 12.09
CA GLY A 397 13.20 -14.21 12.10
C GLY A 397 14.35 -13.25 11.91
N GLY A 398 14.02 -11.95 12.02
CA GLY A 398 14.97 -10.86 11.97
C GLY A 398 15.75 -10.60 10.69
N SER A 399 15.16 -10.92 9.54
CA SER A 399 15.83 -10.64 8.26
C SER A 399 14.89 -10.35 7.06
N GLY A 400 15.46 -9.78 6.00
CA GLY A 400 14.75 -9.44 4.78
C GLY A 400 15.63 -8.75 3.76
N GLY A 401 15.28 -8.89 2.49
CA GLY A 401 16.00 -8.32 1.35
C GLY A 401 15.66 -9.13 0.12
N GLY A 402 15.96 -8.59 -1.05
CA GLY A 402 15.68 -9.22 -2.35
C GLY A 402 14.32 -9.90 -2.56
N GLY A 403 13.25 -9.31 -2.03
CA GLY A 403 11.89 -9.85 -2.16
C GLY A 403 11.52 -10.86 -1.09
N ILE A 404 12.30 -10.99 0.00
CA ILE A 404 11.99 -11.97 1.06
C ILE A 404 11.82 -11.27 2.38
N VAL A 405 11.01 -11.85 3.29
CA VAL A 405 10.84 -11.37 4.67
C VAL A 405 10.77 -12.60 5.60
N THR A 406 11.72 -12.74 6.53
CA THR A 406 11.76 -13.82 7.54
C THR A 406 11.34 -13.21 8.86
N LEU A 407 10.07 -13.43 9.23
CA LEU A 407 9.49 -12.82 10.42
C LEU A 407 9.19 -13.79 11.56
N ASP A 408 9.56 -13.38 12.77
CA ASP A 408 9.22 -14.07 14.01
C ASP A 408 8.02 -13.22 14.49
N SER A 409 8.25 -11.96 14.93
CA SER A 409 7.17 -11.03 15.29
C SER A 409 6.70 -10.46 13.95
N THR A 410 5.40 -10.54 13.68
CA THR A 410 4.87 -10.08 12.40
C THR A 410 4.24 -8.69 12.48
N LEU A 411 4.10 -8.17 13.71
CA LEU A 411 3.58 -6.82 13.96
C LEU A 411 4.73 -6.01 14.56
N GLY A 412 4.53 -4.72 14.82
CA GLY A 412 5.57 -3.88 15.41
C GLY A 412 6.81 -3.63 14.58
N ASN A 413 7.92 -3.37 15.27
CA ASN A 413 9.19 -3.03 14.65
C ASN A 413 9.85 -4.07 13.80
N GLU A 414 9.71 -5.34 14.17
CA GLU A 414 10.31 -6.41 13.39
C GLU A 414 9.77 -6.42 11.95
N PHE A 415 8.43 -6.23 11.78
CA PHE A 415 7.80 -6.16 10.46
C PHE A 415 8.31 -4.97 9.67
N SER A 416 8.19 -3.76 10.23
CA SER A 416 8.67 -2.54 9.56
C SER A 416 10.16 -2.58 9.22
N HIS A 417 11.03 -3.19 10.10
CA HIS A 417 12.49 -3.28 9.87
C HIS A 417 12.79 -4.27 8.73
N ASP A 418 12.31 -5.53 8.90
CA ASP A 418 12.53 -6.60 7.93
C ASP A 418 12.07 -6.31 6.54
N VAL A 419 10.90 -5.67 6.42
CA VAL A 419 10.31 -5.24 5.16
C VAL A 419 11.09 -4.03 4.65
N GLY A 420 11.53 -3.17 5.56
CA GLY A 420 12.30 -1.96 5.28
C GLY A 420 13.56 -2.29 4.51
N HIS A 421 14.24 -3.36 4.96
CA HIS A 421 15.41 -3.92 4.30
C HIS A 421 15.18 -4.15 2.78
N ASN A 422 13.97 -4.59 2.39
CA ASN A 422 13.56 -4.82 0.99
C ASN A 422 13.44 -3.51 0.18
N TYR A 423 13.29 -2.36 0.87
CA TYR A 423 13.17 -1.05 0.25
C TYR A 423 14.55 -0.42 -0.07
N GLY A 424 15.61 -1.17 0.20
CA GLY A 424 16.99 -0.74 -0.01
C GLY A 424 17.62 -0.10 1.21
N LEU A 425 16.92 -0.13 2.35
CA LEU A 425 17.36 0.50 3.58
C LEU A 425 18.38 -0.37 4.36
N GLY A 426 19.24 0.30 5.11
CA GLY A 426 20.19 -0.33 6.00
C GLY A 426 19.83 0.05 7.42
N HIS A 427 20.78 -0.04 8.30
CA HIS A 427 20.55 0.33 9.70
C HIS A 427 20.93 1.73 9.94
N TYR A 428 20.17 2.42 10.83
CA TYR A 428 20.46 3.79 11.27
C TYR A 428 20.72 4.65 10.03
N VAL A 429 19.72 4.69 9.14
CA VAL A 429 19.86 5.43 7.87
C VAL A 429 20.10 6.93 8.05
N ASP A 430 21.28 7.39 7.59
CA ASP A 430 21.73 8.77 7.63
C ASP A 430 21.97 9.29 9.09
N GLY A 431 22.40 8.40 9.96
CA GLY A 431 22.71 8.68 11.37
C GLY A 431 21.58 9.38 12.09
N PHE A 432 21.90 10.30 13.02
CA PHE A 432 20.92 11.09 13.78
C PHE A 432 19.93 11.90 12.86
N LYS A 433 20.47 12.68 11.86
CA LYS A 433 19.70 13.48 10.89
C LYS A 433 18.57 12.69 10.27
N GLY A 434 18.84 11.45 9.92
CA GLY A 434 17.85 10.58 9.29
C GLY A 434 17.04 9.65 10.17
N SER A 435 17.59 9.23 11.34
CA SER A 435 16.96 8.21 12.18
C SER A 435 16.07 8.56 13.37
N VAL A 436 16.12 9.80 13.87
CA VAL A 436 15.32 10.18 15.05
C VAL A 436 14.12 11.02 14.60
N HIS A 437 12.91 10.77 15.15
CA HIS A 437 11.73 11.60 14.83
C HIS A 437 11.89 12.93 15.59
N ARG A 438 11.58 14.06 14.90
CA ARG A 438 11.86 15.39 15.38
C ARG A 438 10.69 16.33 15.57
N SER A 439 10.89 17.35 16.41
CA SER A 439 9.92 18.43 16.64
C SER A 439 9.88 19.34 15.38
N ALA A 440 8.86 20.20 15.26
CA ALA A 440 8.61 21.06 14.09
C ALA A 440 9.70 22.07 13.67
N GLU A 441 10.51 22.58 14.60
CA GLU A 441 11.54 23.57 14.28
C GLU A 441 12.73 22.94 13.56
N ASN A 442 12.73 21.60 13.49
CA ASN A 442 13.77 20.75 12.93
C ASN A 442 13.39 20.10 11.64
N ASN A 443 14.43 19.51 11.00
CA ASN A 443 14.35 18.71 9.80
C ASN A 443 13.86 17.33 10.22
N ASN A 444 13.51 16.45 9.25
CA ASN A 444 13.06 15.08 9.56
C ASN A 444 11.87 15.07 10.54
N SER A 445 11.02 16.09 10.44
CA SER A 445 9.87 16.29 11.30
C SER A 445 8.60 16.08 10.53
N THR A 446 7.68 15.29 11.12
CA THR A 446 6.36 15.00 10.54
C THR A 446 5.50 14.24 11.54
N TRP A 447 4.25 14.08 11.17
CA TRP A 447 3.22 13.33 11.87
C TRP A 447 2.56 12.45 10.82
N GLY A 448 2.10 11.30 11.26
CA GLY A 448 1.43 10.36 10.37
C GLY A 448 0.02 10.81 10.08
N TRP A 449 -0.64 10.10 9.14
CA TRP A 449 -2.00 10.33 8.75
C TRP A 449 -2.69 9.02 8.51
N ASP A 450 -3.82 8.82 9.19
CA ASP A 450 -4.65 7.64 9.01
C ASP A 450 -5.85 8.13 8.17
N GLY A 451 -5.80 7.82 6.86
CA GLY A 451 -6.79 8.22 5.85
C GLY A 451 -8.14 7.54 5.93
N ASP A 452 -8.25 6.51 6.77
CA ASP A 452 -9.53 5.84 6.98
C ASP A 452 -10.13 6.39 8.26
N LYS A 453 -9.32 6.45 9.33
CA LYS A 453 -9.75 7.00 10.62
C LYS A 453 -10.01 8.53 10.59
N LYS A 454 -9.35 9.26 9.66
CA LYS A 454 -9.37 10.72 9.49
C LYS A 454 -8.75 11.37 10.74
N ARG A 455 -7.54 10.92 11.06
CA ARG A 455 -6.83 11.37 12.26
C ARG A 455 -5.32 11.36 12.07
N PHE A 456 -4.61 12.27 12.76
CA PHE A 456 -3.15 12.31 12.71
C PHE A 456 -2.54 11.30 13.70
N ILE A 457 -1.34 10.81 13.37
CA ILE A 457 -0.57 9.89 14.21
C ILE A 457 0.66 10.71 14.64
N PRO A 458 0.67 11.23 15.88
CA PRO A 458 1.85 11.98 16.34
C PRO A 458 3.14 11.12 16.34
N ASN A 459 4.30 11.79 16.15
CA ASN A 459 5.60 11.13 16.13
C ASN A 459 6.23 11.01 17.52
N PHE A 460 5.38 10.93 18.55
CA PHE A 460 5.83 10.77 19.93
C PHE A 460 4.91 9.82 20.69
N TYR A 461 5.44 9.19 21.76
CA TYR A 461 4.68 8.25 22.60
C TYR A 461 3.59 9.00 23.40
N PRO A 462 2.44 8.36 23.71
CA PRO A 462 1.38 9.09 24.45
C PRO A 462 1.72 9.39 25.90
N SER A 463 2.71 8.69 26.47
CA SER A 463 3.15 8.87 27.84
C SER A 463 4.15 10.02 27.97
N GLN A 464 4.04 10.79 29.06
CA GLN A 464 4.96 11.90 29.35
C GLN A 464 6.07 11.36 30.26
N THR A 465 7.20 10.99 29.66
CA THR A 465 8.35 10.42 30.39
C THR A 465 9.54 11.39 30.49
N ASN A 466 9.47 12.52 29.75
CA ASN A 466 10.51 13.55 29.67
C ASN A 466 11.85 13.02 29.13
N GLU A 467 11.84 11.85 28.48
CA GLU A 467 13.03 11.25 27.89
C GLU A 467 13.40 11.95 26.59
N LYS A 468 14.71 12.03 26.31
CA LYS A 468 15.28 12.55 25.07
C LYS A 468 15.44 11.36 24.12
N SER A 469 15.61 11.61 22.81
CA SER A 469 15.83 10.56 21.82
C SER A 469 17.17 10.87 21.21
N CYS A 470 18.16 10.02 21.50
CA CYS A 470 19.54 10.23 21.09
C CYS A 470 20.08 9.26 20.10
N LEU A 471 21.01 9.73 19.30
CA LEU A 471 21.73 8.86 18.44
C LEU A 471 23.09 9.42 18.07
N ASN A 472 24.12 8.64 18.28
CA ASN A 472 25.48 9.11 18.12
C ASN A 472 25.70 10.41 18.85
N ASN A 473 25.12 10.50 20.03
CA ASN A 473 25.34 11.61 20.93
C ASN A 473 24.39 12.81 20.80
N GLN A 474 23.90 13.04 19.59
CA GLN A 474 22.93 14.08 19.35
C GLN A 474 21.62 13.71 19.99
N CYS A 475 20.87 14.69 20.45
CA CYS A 475 19.57 14.44 21.07
C CYS A 475 18.42 15.30 20.58
N GLN A 476 17.21 14.73 20.62
CA GLN A 476 15.96 15.41 20.35
C GLN A 476 15.27 15.47 21.71
N GLU A 477 14.98 16.70 22.16
CA GLU A 477 14.31 17.00 23.42
C GLU A 477 12.83 16.57 23.32
N PRO A 478 12.18 16.14 24.44
CA PRO A 478 10.76 15.73 24.34
C PRO A 478 9.78 16.88 24.08
N PHE A 479 8.58 16.55 23.60
CA PHE A 479 7.52 17.53 23.36
C PHE A 479 6.55 17.44 24.51
N ASP A 480 6.52 18.46 25.38
CA ASP A 480 5.64 18.53 26.55
C ASP A 480 5.65 17.19 27.35
N GLY A 481 6.86 16.70 27.61
CA GLY A 481 7.08 15.43 28.29
C GLY A 481 7.10 14.19 27.41
N HIS A 482 6.41 14.23 26.24
CA HIS A 482 6.30 13.10 25.31
C HIS A 482 7.60 12.83 24.56
N LYS A 483 8.08 11.59 24.63
CA LYS A 483 9.31 11.14 24.01
C LYS A 483 9.16 10.97 22.50
N PHE A 484 10.02 11.64 21.74
CA PHE A 484 10.08 11.54 20.28
C PHE A 484 10.55 10.13 19.84
N GLY A 485 9.88 9.60 18.83
CA GLY A 485 10.06 8.25 18.36
C GLY A 485 11.38 7.95 17.74
N PHE A 486 11.40 6.91 16.97
CA PHE A 486 12.62 6.47 16.24
C PHE A 486 12.25 5.80 14.97
N ASP A 487 13.08 5.98 13.94
CA ASP A 487 12.90 5.36 12.64
C ASP A 487 12.80 3.92 12.92
N ALA A 488 12.17 3.21 12.03
CA ALA A 488 12.12 1.81 12.18
C ALA A 488 13.37 1.08 11.60
N ALA A 490 16.18 1.88 13.36
CA ALA A 490 16.93 2.31 14.50
C ALA A 490 16.18 2.06 15.79
N GLY A 491 15.62 0.88 15.92
CA GLY A 491 14.99 0.50 17.15
C GLY A 491 13.78 1.26 17.59
N GLY A 492 12.96 1.67 16.66
CA GLY A 492 11.72 2.33 17.00
C GLY A 492 10.64 1.31 17.20
N SER A 493 9.55 1.73 17.82
CA SER A 493 8.46 0.85 18.11
C SER A 493 7.15 1.59 18.01
N PRO A 494 6.08 0.91 17.65
CA PRO A 494 4.79 1.63 17.54
C PRO A 494 4.48 2.48 18.77
N PHE A 495 3.73 3.54 18.61
CA PHE A 495 3.40 4.43 19.71
C PHE A 495 2.23 3.92 20.54
N SER A 496 1.21 3.32 19.89
CA SER A 496 -0.02 2.82 20.51
C SER A 496 -0.70 1.82 19.60
N ALA A 497 -1.67 1.06 20.14
CA ALA A 497 -2.44 0.07 19.39
C ALA A 497 -3.28 0.68 18.24
N ALA A 498 -3.23 2.03 18.08
CA ALA A 498 -3.90 2.76 17.00
C ALA A 498 -3.24 2.43 15.66
N ASN A 499 -1.93 2.11 15.70
CA ASN A 499 -1.14 1.71 14.54
C ASN A 499 -0.06 0.84 15.06
N ARG A 500 -0.22 -0.47 14.86
CA ARG A 500 0.70 -1.50 15.35
C ARG A 500 2.01 -1.64 14.57
N PHE A 501 2.44 -0.56 13.86
CA PHE A 501 3.66 -0.53 13.07
C PHE A 501 4.55 0.68 13.40
N THR A 502 5.85 0.57 13.12
CA THR A 502 6.76 1.67 13.36
C THR A 502 6.74 2.71 12.25
N TYR A 504 8.00 5.39 9.87
CA TYR A 504 9.22 5.63 9.17
C TYR A 504 9.48 7.13 9.26
N THR A 505 10.74 7.53 9.42
CA THR A 505 11.07 8.95 9.49
C THR A 505 10.94 9.54 8.08
N PRO A 506 10.71 10.87 7.92
CA PRO A 506 10.68 11.46 6.58
C PRO A 506 11.85 11.04 5.68
N ASN A 507 13.07 10.93 6.26
CA ASN A 507 14.25 10.51 5.49
C ASN A 507 14.09 9.09 4.91
N SER A 508 13.64 8.13 5.73
CA SER A 508 13.47 6.75 5.25
C SER A 508 12.30 6.65 4.29
N SER A 509 11.19 7.37 4.63
CA SER A 509 9.98 7.42 3.80
C SER A 509 10.29 7.91 2.37
N ALA A 510 11.20 8.92 2.22
CA ALA A 510 11.69 9.48 0.96
C ALA A 510 12.47 8.46 0.14
N ILE A 511 13.29 7.62 0.80
CA ILE A 511 14.05 6.54 0.19
C ILE A 511 13.07 5.45 -0.25
N ILE A 512 12.09 5.08 0.63
CA ILE A 512 11.07 4.06 0.35
C ILE A 512 10.28 4.46 -0.89
N GLN A 513 9.97 5.76 -1.03
CA GLN A 513 9.20 6.31 -2.15
C GLN A 513 9.96 6.15 -3.44
N ARG A 514 11.23 6.55 -3.45
CA ARG A 514 12.11 6.44 -4.60
C ARG A 514 12.24 5.00 -5.09
N PHE A 515 12.29 4.04 -4.15
CA PHE A 515 12.38 2.60 -4.37
C PHE A 515 11.18 2.08 -5.20
N PHE A 516 9.93 2.44 -4.78
CA PHE A 516 8.67 2.05 -5.44
C PHE A 516 8.55 2.64 -6.84
N GLU A 517 8.96 3.91 -7.01
CA GLU A 517 8.92 4.65 -8.28
C GLU A 517 9.78 3.98 -9.36
N ASN A 518 10.93 3.41 -8.94
CA ASN A 518 11.91 2.72 -9.80
C ASN A 518 11.63 1.23 -10.06
N LYS A 519 10.54 0.72 -9.49
CA LYS A 519 10.15 -0.66 -9.70
C LYS A 519 9.03 -0.73 -10.72
N ALA A 520 9.03 -1.78 -11.55
CA ALA A 520 7.93 -2.01 -12.49
C ALA A 520 6.72 -2.52 -11.67
N VAL A 521 5.56 -2.67 -12.32
CA VAL A 521 4.32 -3.05 -11.66
C VAL A 521 3.56 -4.06 -12.54
N PHE A 522 2.96 -5.11 -11.93
CA PHE A 522 2.06 -6.02 -12.69
C PHE A 522 0.84 -5.15 -13.06
N ASP A 523 0.53 -5.07 -14.37
CA ASP A 523 -0.57 -4.25 -14.89
C ASP A 523 -1.37 -4.99 -15.96
N SER A 524 -2.60 -5.40 -15.60
CA SER A 524 -3.52 -6.15 -16.48
C SER A 524 -4.00 -5.38 -17.70
N ARG A 525 -3.97 -4.04 -17.62
CA ARG A 525 -4.38 -3.13 -18.68
C ARG A 525 -3.21 -2.78 -19.63
N SER A 526 -1.99 -3.26 -19.33
CA SER A 526 -0.82 -3.01 -20.17
C SER A 526 -0.65 -4.09 -21.25
N SER A 527 -0.20 -3.67 -22.46
CA SER A 527 0.07 -4.54 -23.62
C SER A 527 1.19 -5.58 -23.34
N THR A 528 2.01 -5.34 -22.29
CA THR A 528 3.14 -6.19 -21.85
C THR A 528 2.86 -6.91 -20.49
N GLY A 529 1.74 -6.55 -19.86
CA GLY A 529 1.32 -7.07 -18.55
C GLY A 529 2.00 -6.34 -17.41
N PHE A 530 2.86 -5.36 -17.75
CA PHE A 530 3.62 -4.58 -16.80
C PHE A 530 3.66 -3.11 -17.15
N SER A 531 3.78 -2.27 -16.12
CA SER A 531 3.92 -0.83 -16.26
C SER A 531 5.06 -0.34 -15.35
N LYS A 532 5.81 0.67 -15.82
CA LYS A 532 6.92 1.29 -15.12
C LYS A 532 6.96 2.77 -15.48
N TRP A 533 7.16 3.60 -14.45
CA TRP A 533 7.18 5.05 -14.49
C TRP A 533 8.28 5.63 -15.37
N ASN A 534 7.90 6.56 -16.25
CA ASN A 534 8.85 7.29 -17.08
C ASN A 534 9.00 8.66 -16.42
N ALA A 535 10.11 8.86 -15.69
CA ALA A 535 10.40 10.12 -14.99
C ALA A 535 10.50 11.33 -15.95
N ASP A 536 10.68 11.06 -17.28
CA ASP A 536 10.78 12.08 -18.33
C ASP A 536 9.42 12.50 -18.87
N THR A 537 8.46 11.57 -18.98
CA THR A 537 7.11 11.89 -19.48
C THR A 537 6.06 11.96 -18.36
N GLN A 538 6.47 11.64 -17.11
CA GLN A 538 5.64 11.66 -15.90
C GLN A 538 4.33 10.85 -15.99
N GLU A 539 4.45 9.61 -16.45
CA GLU A 539 3.34 8.67 -16.60
C GLU A 539 3.82 7.22 -16.54
N GLU A 541 4.18 3.78 -18.10
CA GLU A 541 4.32 3.31 -19.48
C GLU A 541 4.55 1.81 -19.48
N PRO A 542 4.22 1.07 -20.56
CA PRO A 542 4.45 -0.38 -20.53
C PRO A 542 5.92 -0.77 -20.40
N TYR A 543 6.19 -1.76 -19.54
CA TYR A 543 7.50 -2.34 -19.25
C TYR A 543 7.55 -3.76 -19.80
N GLU A 544 8.59 -4.08 -20.57
CA GLU A 544 8.75 -5.42 -21.13
C GLU A 544 9.58 -6.29 -20.17
N HIS A 545 8.94 -7.33 -19.62
CA HIS A 545 9.55 -8.30 -18.70
C HIS A 545 10.22 -9.39 -19.53
N THR A 546 11.53 -9.61 -19.28
CA THR A 546 12.35 -10.58 -20.01
C THR A 546 12.76 -11.76 -19.12
N ILE A 547 12.53 -12.99 -19.63
CA ILE A 547 12.87 -14.26 -18.96
C ILE A 547 14.27 -14.76 -19.34
N GLU A 648 14.04 -13.06 -24.21
CA GLU A 648 12.69 -13.56 -24.52
C GLU A 648 11.63 -12.88 -23.62
N ALA A 649 10.57 -12.34 -24.25
CA ALA A 649 9.44 -11.66 -23.59
C ALA A 649 8.56 -12.65 -22.80
N ARG A 650 8.13 -12.22 -21.61
CA ARG A 650 7.33 -13.00 -20.66
C ARG A 650 6.15 -12.16 -20.15
N LYS A 651 4.91 -12.66 -20.37
CA LYS A 651 3.66 -11.96 -20.05
C LYS A 651 2.61 -12.91 -19.44
N PRO A 652 1.96 -12.55 -18.29
CA PRO A 652 0.95 -13.45 -17.70
C PRO A 652 -0.34 -13.56 -18.51
N GLU A 653 -0.90 -14.79 -18.61
CA GLU A 653 -2.16 -15.07 -19.28
C GLU A 653 -3.28 -14.59 -18.38
N GLN A 654 -3.12 -14.82 -17.05
CA GLN A 654 -4.05 -14.43 -16.00
C GLN A 654 -3.37 -13.53 -14.96
N PHE A 655 -4.12 -12.56 -14.44
CA PHE A 655 -3.63 -11.57 -13.50
C PHE A 655 -4.39 -11.60 -12.19
N GLY A 656 -3.67 -11.82 -11.10
CA GLY A 656 -4.24 -11.85 -9.76
C GLY A 656 -5.46 -12.74 -9.60
N VAL A 657 -5.29 -13.99 -10.03
CA VAL A 657 -6.27 -15.07 -9.98
C VAL A 657 -5.79 -16.02 -8.88
N PRO A 658 -6.65 -16.89 -8.30
CA PRO A 658 -6.14 -17.86 -7.29
C PRO A 658 -5.07 -18.76 -7.93
N VAL A 659 -3.96 -19.02 -7.22
CA VAL A 659 -2.88 -19.85 -7.78
C VAL A 659 -2.49 -21.05 -6.95
N THR A 660 -2.05 -22.11 -7.65
CA THR A 660 -1.51 -23.31 -7.06
C THR A 660 -0.05 -23.27 -7.47
N THR A 661 0.82 -22.85 -6.54
CA THR A 661 2.26 -22.77 -6.79
C THR A 661 2.87 -24.16 -6.56
N LEU A 662 3.35 -24.77 -7.64
CA LEU A 662 4.01 -26.08 -7.63
C LEU A 662 5.53 -25.85 -7.42
N VAL A 663 6.16 -26.58 -6.47
CA VAL A 663 7.57 -26.35 -6.11
C VAL A 663 8.37 -27.64 -5.73
N GLY A 664 9.71 -27.55 -5.82
CA GLY A 664 10.64 -28.62 -5.49
C GLY A 664 11.97 -28.55 -6.23
N TYR A 665 12.68 -29.68 -6.31
CA TYR A 665 13.95 -29.74 -7.03
C TYR A 665 13.94 -30.87 -8.07
N TYR A 666 14.84 -30.78 -9.08
CA TYR A 666 15.00 -31.81 -10.12
C TYR A 666 16.45 -31.89 -10.59
N ASP A 667 16.92 -33.10 -10.91
CA ASP A 667 18.27 -33.35 -11.41
C ASP A 667 18.16 -33.42 -12.95
N PRO A 668 18.59 -32.36 -13.71
CA PRO A 668 18.48 -32.41 -15.18
C PRO A 668 19.35 -33.48 -15.82
N GLU A 669 20.53 -33.73 -15.22
CA GLU A 669 21.45 -34.76 -15.70
C GLU A 669 20.99 -36.15 -15.24
N GLY A 670 20.20 -36.19 -14.16
CA GLY A 670 19.68 -37.43 -13.58
C GLY A 670 20.64 -38.07 -12.60
N THR A 671 20.23 -39.25 -12.05
CA THR A 671 20.97 -40.04 -11.07
C THR A 671 21.61 -39.17 -9.91
N LEU A 672 20.80 -38.62 -8.95
CA LEU A 672 19.34 -38.67 -8.80
C LEU A 672 18.82 -37.71 -7.70
N SER A 673 17.54 -37.95 -7.28
CA SER A 673 16.77 -37.35 -6.21
C SER A 673 15.97 -36.09 -6.52
N SER A 674 15.06 -36.21 -7.52
CA SER A 674 14.13 -35.14 -7.90
C SER A 674 12.94 -35.27 -6.95
N TYR A 675 12.47 -34.17 -6.37
CA TYR A 675 11.41 -34.20 -5.37
C TYR A 675 10.44 -33.03 -5.52
N ILE A 676 9.16 -33.34 -5.69
CA ILE A 676 8.07 -32.37 -5.77
C ILE A 676 7.51 -32.23 -4.36
N TYR A 677 7.46 -30.99 -3.90
CA TYR A 677 6.96 -30.62 -2.59
C TYR A 677 5.42 -30.53 -2.66
N PRO A 678 4.71 -30.54 -1.49
CA PRO A 678 3.26 -30.36 -1.50
C PRO A 678 2.89 -29.00 -2.11
N ALA A 679 1.80 -28.96 -2.88
CA ALA A 679 1.33 -27.77 -3.56
C ALA A 679 1.06 -26.61 -2.59
N TYR A 681 -0.91 -22.97 -2.07
CA TYR A 681 -2.15 -22.39 -2.58
C TYR A 681 -2.27 -20.90 -2.24
N GLY A 682 -2.35 -20.06 -3.27
CA GLY A 682 -2.45 -18.61 -3.12
C GLY A 682 -3.75 -18.01 -3.61
N ALA A 683 -4.19 -16.90 -2.99
CA ALA A 683 -5.43 -16.22 -3.35
C ALA A 683 -5.32 -15.33 -4.60
N TYR A 684 -4.12 -14.82 -4.86
CA TYR A 684 -3.80 -13.84 -5.89
C TYR A 684 -2.43 -14.15 -6.49
N GLY A 685 -2.41 -14.40 -7.79
CA GLY A 685 -1.19 -14.69 -8.51
C GLY A 685 -1.30 -14.57 -10.02
N PHE A 686 -0.18 -14.78 -10.68
CA PHE A 686 -0.01 -14.66 -12.13
C PHE A 686 0.36 -16.01 -12.77
N THR A 687 -0.40 -16.39 -13.81
CA THR A 687 -0.20 -17.66 -14.52
C THR A 687 0.31 -17.43 -15.95
N TYR A 688 1.11 -18.38 -16.46
CA TYR A 688 1.70 -18.35 -17.80
C TYR A 688 1.36 -19.64 -18.62
N SER A 689 1.81 -19.72 -19.90
CA SER A 689 1.57 -20.84 -20.83
C SER A 689 2.46 -22.08 -20.60
N ASN A 726 18.65 -28.16 -9.71
CA ASN A 726 17.88 -26.99 -10.11
C ASN A 726 16.59 -26.91 -9.26
N LYS A 727 15.99 -25.73 -9.26
CA LYS A 727 14.79 -25.38 -8.53
C LYS A 727 13.70 -25.07 -9.57
N PHE A 728 12.50 -25.64 -9.39
CA PHE A 728 11.36 -25.35 -10.26
C PHE A 728 10.30 -24.59 -9.46
N HIS A 729 9.62 -23.63 -10.10
CA HIS A 729 8.60 -22.80 -9.47
C HIS A 729 7.60 -22.30 -10.51
N ILE A 730 6.53 -23.08 -10.68
CA ILE A 730 5.49 -22.83 -11.67
C ILE A 730 4.14 -22.55 -11.01
N ASN A 731 3.44 -21.52 -11.51
CA ASN A 731 2.11 -21.14 -11.07
C ASN A 731 1.05 -21.71 -12.03
N VAL A 732 0.11 -22.51 -11.49
CA VAL A 732 -1.01 -23.10 -12.20
C VAL A 732 -2.31 -22.42 -11.65
N PRO A 733 -3.33 -22.04 -12.49
CA PRO A 733 -4.57 -21.47 -11.92
C PRO A 733 -5.33 -22.52 -11.12
N THR A 734 -5.65 -22.25 -9.83
CA THR A 734 -6.40 -23.16 -8.96
C THR A 734 -7.71 -23.65 -9.62
N GLU A 735 -8.36 -22.75 -10.40
CA GLU A 735 -9.58 -22.96 -11.19
C GLU A 735 -9.49 -24.23 -12.06
N SER A 736 -8.27 -24.65 -12.38
CA SER A 736 -8.06 -25.84 -13.20
C SER A 736 -8.21 -27.11 -12.37
N GLN A 737 -7.83 -27.03 -11.10
CA GLN A 737 -7.92 -28.17 -10.20
C GLN A 737 -6.82 -29.19 -10.49
N PRO A 738 -5.98 -29.45 -9.49
CA PRO A 738 -4.88 -30.40 -9.63
C PRO A 738 -5.19 -31.73 -8.96
N LEU A 750 12.09 -37.05 -12.77
CA LEU A 750 12.37 -38.31 -12.08
C LEU A 750 11.49 -38.48 -10.80
N ASP A 751 10.24 -37.96 -10.83
CA ASP A 751 9.29 -37.99 -9.71
C ASP A 751 7.88 -37.63 -10.16
N THR A 752 6.88 -38.20 -9.46
CA THR A 752 5.45 -37.93 -9.65
C THR A 752 4.75 -37.81 -8.28
N LYS A 753 3.78 -36.89 -8.19
CA LYS A 753 3.07 -36.63 -6.94
C LYS A 753 1.64 -36.20 -7.17
N SER A 754 0.72 -36.80 -6.38
CA SER A 754 -0.70 -36.47 -6.43
C SER A 754 -0.92 -35.24 -5.57
N LEU A 755 -1.48 -34.20 -6.18
CA LEU A 755 -1.71 -32.89 -5.57
C LEU A 755 -3.10 -32.78 -4.95
N THR A 756 -3.12 -32.45 -3.65
CA THR A 756 -4.32 -32.24 -2.83
C THR A 756 -5.08 -30.99 -3.34
N PRO A 757 -6.42 -30.97 -3.42
CA PRO A 757 -7.09 -29.74 -3.87
C PRO A 757 -6.85 -28.61 -2.85
N ALA A 758 -6.97 -27.35 -3.30
CA ALA A 758 -6.78 -26.19 -2.45
C ALA A 758 -7.82 -26.09 -1.35
N PRO A 759 -7.47 -25.63 -0.13
CA PRO A 759 -8.52 -25.40 0.87
C PRO A 759 -9.42 -24.24 0.39
N GLU A 760 -10.55 -24.04 1.05
CA GLU A 760 -11.48 -22.99 0.68
C GLU A 760 -11.01 -21.49 0.80
N GLY A 761 -11.32 -20.85 1.93
CA GLY A 761 -11.16 -19.42 2.21
C GLY A 761 -9.87 -18.68 1.93
N LEU A 762 -9.29 -18.83 0.72
CA LEU A 762 -8.07 -18.10 0.35
C LEU A 762 -8.44 -16.73 -0.14
N THR A 763 -7.93 -15.70 0.56
CA THR A 763 -8.32 -14.31 0.26
C THR A 763 -7.19 -13.29 0.29
N TYR A 764 -7.22 -12.34 -0.66
CA TYR A 764 -6.24 -11.26 -0.71
C TYR A 764 -6.91 -9.93 -0.28
N THR A 765 -6.09 -8.95 0.11
CA THR A 765 -6.57 -7.64 0.53
C THR A 765 -5.94 -6.60 -0.34
N VAL A 766 -6.70 -5.57 -0.67
CA VAL A 766 -6.29 -4.45 -1.50
C VAL A 766 -6.57 -3.19 -0.68
N ASN A 767 -5.48 -2.47 -0.39
CA ASN A 767 -5.47 -1.23 0.33
C ASN A 767 -5.05 -0.15 -0.64
N GLY A 768 -5.71 1.00 -0.52
CA GLY A 768 -5.51 2.14 -1.39
C GLY A 768 -6.36 2.04 -2.64
N GLN A 769 -5.73 2.22 -3.81
CA GLN A 769 -6.35 2.22 -5.14
C GLN A 769 -6.95 0.85 -5.47
N ALA A 770 -8.25 0.80 -5.77
CA ALA A 770 -8.95 -0.44 -6.12
C ALA A 770 -8.36 -1.04 -7.39
N LEU A 771 -8.39 -2.36 -7.51
CA LEU A 771 -7.88 -3.05 -8.70
C LEU A 771 -8.69 -2.69 -9.96
N PRO A 772 -8.06 -2.52 -11.14
CA PRO A 772 -8.83 -2.10 -12.33
C PRO A 772 -9.75 -3.18 -12.92
N ALA A 773 -10.84 -2.76 -13.55
CA ALA A 773 -11.78 -3.68 -14.20
C ALA A 773 -11.08 -4.43 -15.34
N LYS A 774 -11.38 -5.74 -15.49
CA LYS A 774 -10.77 -6.54 -16.56
C LYS A 774 -11.50 -6.40 -17.91
N GLU A 775 -10.87 -6.94 -18.98
CA GLU A 775 -11.32 -6.92 -20.39
C GLU A 775 -12.85 -6.97 -20.58
N ASN A 776 -13.49 -8.05 -20.11
CA ASN A 776 -14.93 -8.25 -20.25
C ASN A 776 -15.67 -8.15 -18.91
N GLU A 777 -15.36 -7.08 -18.15
CA GLU A 777 -15.87 -6.80 -16.81
C GLU A 777 -16.22 -5.30 -16.66
N GLY A 778 -17.15 -5.00 -15.76
CA GLY A 778 -17.56 -3.64 -15.44
C GLY A 778 -17.86 -3.49 -13.96
N CYS A 779 -17.25 -2.46 -13.32
CA CYS A 779 -17.40 -2.17 -11.88
C CYS A 779 -17.91 -0.75 -11.58
N ILE A 780 -18.52 -0.62 -10.40
CA ILE A 780 -18.73 0.64 -9.68
C ILE A 780 -17.90 0.43 -8.38
N VAL A 781 -17.22 1.50 -7.90
CA VAL A 781 -16.31 1.42 -6.75
C VAL A 781 -16.61 2.54 -5.75
N SER A 782 -16.64 2.21 -4.44
CA SER A 782 -16.86 3.18 -3.35
C SER A 782 -15.64 4.12 -3.29
N VAL A 783 -15.87 5.44 -3.39
CA VAL A 783 -14.77 6.44 -3.34
C VAL A 783 -14.03 6.34 -1.98
N ASN A 784 -14.80 6.03 -0.92
CA ASN A 784 -14.37 5.89 0.47
C ASN A 784 -13.54 4.65 0.74
N SER A 785 -14.10 3.47 0.51
CA SER A 785 -13.46 2.20 0.83
C SER A 785 -12.63 1.57 -0.28
N GLY A 786 -13.03 1.75 -1.53
CA GLY A 786 -12.35 1.13 -2.66
C GLY A 786 -12.92 -0.24 -2.95
N LYS A 787 -13.94 -0.65 -2.18
CA LYS A 787 -14.63 -1.93 -2.33
C LYS A 787 -15.42 -1.86 -3.62
N ARG A 788 -15.11 -2.78 -4.54
CA ARG A 788 -15.72 -2.87 -5.88
C ARG A 788 -16.96 -3.75 -5.96
N TYR A 789 -17.86 -3.40 -6.88
CA TYR A 789 -19.03 -4.20 -7.25
C TYR A 789 -18.83 -4.45 -8.74
N CYS A 790 -18.38 -5.64 -9.10
CA CYS A 790 -18.08 -5.98 -10.49
C CYS A 790 -19.09 -6.96 -11.02
N LEU A 791 -19.40 -6.84 -12.31
CA LEU A 791 -20.24 -7.76 -13.04
C LEU A 791 -19.55 -8.03 -14.38
N PRO A 792 -19.57 -9.27 -14.88
CA PRO A 792 -18.98 -9.52 -16.20
C PRO A 792 -19.97 -9.09 -17.31
N VAL A 793 -19.50 -8.98 -18.57
CA VAL A 793 -20.34 -8.63 -19.73
C VAL A 793 -21.40 -9.71 -19.90
N GLY A 794 -22.65 -9.29 -20.01
CA GLY A 794 -23.79 -10.18 -20.18
C GLY A 794 -24.56 -10.39 -18.90
N GLN A 795 -24.08 -9.81 -17.79
CA GLN A 795 -24.71 -9.92 -16.48
C GLN A 795 -25.25 -8.56 -16.00
N ARG A 796 -26.35 -8.60 -15.26
CA ARG A 796 -26.95 -7.44 -14.61
C ARG A 796 -26.96 -7.67 -13.10
N SER A 797 -27.36 -6.66 -12.33
CA SER A 797 -27.46 -6.78 -10.88
C SER A 797 -28.79 -7.49 -10.56
N GLY A 798 -29.08 -7.67 -9.27
CA GLY A 798 -30.41 -8.12 -8.84
C GLY A 798 -31.40 -6.98 -9.04
N TYR A 799 -32.62 -7.08 -8.48
CA TYR A 799 -33.63 -6.02 -8.59
C TYR A 799 -33.03 -4.65 -8.25
N SER A 800 -32.32 -4.61 -7.13
CA SER A 800 -31.61 -3.42 -6.69
C SER A 800 -30.21 -3.84 -6.31
N LEU A 801 -29.24 -2.90 -6.37
CA LEU A 801 -27.85 -3.16 -6.01
C LEU A 801 -27.70 -3.65 -4.54
N PRO A 802 -26.57 -4.32 -4.15
CA PRO A 802 -26.41 -4.72 -2.75
C PRO A 802 -26.46 -3.49 -1.83
N ASP A 803 -27.07 -3.66 -0.65
CA ASP A 803 -27.30 -2.63 0.37
C ASP A 803 -26.09 -1.81 0.70
N TRP A 804 -24.91 -2.44 0.73
CA TRP A 804 -23.64 -1.81 1.07
C TRP A 804 -23.22 -0.70 0.10
N ILE A 805 -23.49 -0.86 -1.22
CA ILE A 805 -23.13 0.14 -2.24
C ILE A 805 -24.20 1.24 -2.47
N VAL A 806 -25.48 0.96 -2.19
CA VAL A 806 -26.53 1.95 -2.36
C VAL A 806 -26.36 3.17 -1.42
N GLY A 807 -26.45 4.36 -2.02
CA GLY A 807 -26.28 5.65 -1.34
C GLY A 807 -24.85 6.14 -1.27
N GLN A 808 -23.88 5.31 -1.72
CA GLN A 808 -22.45 5.60 -1.69
C GLN A 808 -21.95 6.42 -2.87
N GLU A 809 -20.93 7.25 -2.62
CA GLU A 809 -20.24 8.04 -3.63
C GLU A 809 -19.35 7.03 -4.39
N VAL A 810 -19.61 6.85 -5.69
CA VAL A 810 -18.95 5.84 -6.53
C VAL A 810 -18.35 6.38 -7.84
N TYR A 811 -17.38 5.61 -8.39
CA TYR A 811 -16.80 5.85 -9.71
C TYR A 811 -17.00 4.59 -10.59
N VAL A 812 -17.16 4.75 -11.92
CA VAL A 812 -17.31 3.61 -12.83
C VAL A 812 -15.91 3.18 -13.33
N ASP A 813 -15.68 1.88 -13.43
CA ASP A 813 -14.46 1.37 -14.02
C ASP A 813 -14.89 0.31 -15.01
N SER A 814 -14.80 0.63 -16.29
CA SER A 814 -15.23 -0.26 -17.36
C SER A 814 -14.04 -0.76 -18.16
N GLY A 815 -13.98 -2.08 -18.36
CA GLY A 815 -12.96 -2.74 -19.18
C GLY A 815 -13.04 -2.35 -20.64
N ALA A 816 -11.92 -2.53 -21.38
CA ALA A 816 -11.76 -2.16 -22.80
C ALA A 816 -12.83 -2.66 -23.74
N LYS A 817 -13.31 -3.90 -23.53
CA LYS A 817 -14.32 -4.55 -24.36
C LYS A 817 -15.73 -4.46 -23.74
N ALA A 818 -15.86 -3.74 -22.60
CA ALA A 818 -17.13 -3.62 -21.88
C ALA A 818 -17.73 -2.21 -21.76
N LYS A 819 -19.03 -2.15 -21.41
CA LYS A 819 -19.80 -0.91 -21.21
C LYS A 819 -20.68 -1.06 -19.97
N VAL A 820 -20.74 -0.01 -19.15
CA VAL A 820 -21.53 -0.03 -17.93
C VAL A 820 -22.82 0.76 -18.10
N LEU A 821 -23.95 0.09 -17.82
CA LEU A 821 -25.28 0.68 -17.84
C LEU A 821 -25.74 0.78 -16.38
N LEU A 822 -26.14 1.98 -16.00
CA LEU A 822 -26.62 2.34 -14.66
C LEU A 822 -28.00 3.02 -14.75
N SER A 823 -28.82 2.81 -13.72
CA SER A 823 -30.06 3.52 -13.52
C SER A 823 -30.05 4.08 -12.11
N ASP A 824 -30.67 5.23 -11.92
CA ASP A 824 -30.76 5.85 -10.60
C ASP A 824 -31.99 5.26 -9.85
N TRP A 825 -32.78 4.39 -10.53
CA TRP A 825 -33.93 3.68 -9.95
C TRP A 825 -33.69 2.17 -9.80
N ASP A 826 -34.46 1.54 -8.87
CA ASP A 826 -34.43 0.10 -8.57
C ASP A 826 -34.95 -0.60 -9.80
N ASN A 827 -34.23 -1.65 -10.27
CA ASN A 827 -34.45 -2.36 -11.54
C ASN A 827 -34.12 -1.33 -12.63
N LEU A 828 -33.52 -1.76 -13.73
CA LEU A 828 -33.12 -0.81 -14.77
C LEU A 828 -34.38 -0.28 -15.49
N SER A 829 -35.19 0.50 -14.74
CA SER A 829 -36.56 0.96 -15.01
C SER A 829 -36.80 2.35 -15.53
N TYR A 830 -37.96 2.52 -16.20
CA TYR A 830 -38.48 3.76 -16.79
C TYR A 830 -37.53 4.35 -17.88
N ASN A 831 -36.67 3.47 -18.47
CA ASN A 831 -35.71 3.77 -19.54
C ASN A 831 -34.65 4.80 -19.10
N ARG A 832 -34.57 5.02 -17.76
CA ARG A 832 -33.64 5.95 -17.11
C ARG A 832 -32.26 5.26 -16.98
N ILE A 833 -31.69 4.84 -18.13
CA ILE A 833 -30.42 4.14 -18.23
C ILE A 833 -29.34 5.08 -18.79
N GLY A 834 -28.18 5.10 -18.13
CA GLY A 834 -27.02 5.88 -18.53
C GLY A 834 -25.89 4.94 -18.88
N GLU A 835 -25.14 5.25 -19.94
CA GLU A 835 -24.02 4.43 -20.42
C GLU A 835 -22.70 5.03 -20.01
N PHE A 836 -21.86 4.23 -19.35
CA PHE A 836 -20.55 4.68 -18.87
C PHE A 836 -19.48 3.75 -19.40
N VAL A 837 -18.49 4.33 -20.07
CA VAL A 837 -17.36 3.60 -20.65
C VAL A 837 -16.05 4.14 -20.03
N GLY A 838 -15.03 3.29 -19.97
CA GLY A 838 -13.74 3.63 -19.38
C GLY A 838 -13.82 3.92 -17.88
N ASN A 839 -13.15 4.99 -17.45
CA ASN A 839 -13.09 5.44 -16.07
C ASN A 839 -13.83 6.77 -15.94
N VAL A 840 -14.95 6.78 -15.17
CA VAL A 840 -15.80 7.96 -14.97
C VAL A 840 -15.90 8.29 -13.48
N ASN A 841 -15.63 9.56 -13.11
CA ASN A 841 -15.67 10.03 -11.71
C ASN A 841 -17.07 10.61 -11.31
N PRO A 842 -17.41 10.69 -9.98
CA PRO A 842 -18.75 11.17 -9.59
C PRO A 842 -19.26 12.43 -10.27
N ALA A 843 -18.39 13.44 -10.41
CA ALA A 843 -18.72 14.72 -11.06
C ALA A 843 -19.19 14.58 -12.52
N ASP A 844 -18.76 13.51 -13.22
CA ASP A 844 -19.13 13.24 -14.61
C ASP A 844 -20.26 12.20 -14.72
N LYS A 846 -23.26 13.11 -13.02
CA LYS A 846 -24.35 13.99 -12.64
C LYS A 846 -25.26 14.59 -13.72
N LYS A 847 -24.75 14.81 -14.95
CA LYS A 847 -25.58 15.33 -16.05
C LYS A 847 -25.32 14.52 -17.32
N VAL A 848 -25.73 13.23 -17.29
CA VAL A 848 -25.55 12.28 -18.40
C VAL A 848 -26.88 12.02 -19.09
N LYS A 849 -26.91 12.10 -20.44
CA LYS A 849 -28.12 11.86 -21.24
C LYS A 849 -28.50 10.39 -21.12
N ALA A 850 -29.76 10.11 -20.73
CA ALA A 850 -30.26 8.76 -20.52
C ALA A 850 -30.90 8.20 -21.79
N TRP A 851 -31.23 6.87 -21.81
CA TRP A 851 -31.92 6.26 -22.98
C TRP A 851 -33.25 6.97 -23.25
N ASN A 852 -33.90 7.43 -22.17
CA ASN A 852 -35.08 8.27 -22.20
C ASN A 852 -34.35 9.61 -22.39
N GLY A 853 -34.52 10.23 -23.55
CA GLY A 853 -33.77 11.40 -24.01
C GLY A 853 -33.42 12.56 -23.10
N GLN A 854 -33.40 12.36 -21.77
CA GLN A 854 -33.08 13.45 -20.84
C GLN A 854 -31.75 13.31 -20.08
N TYR A 855 -31.22 14.42 -19.53
CA TYR A 855 -29.98 14.40 -18.75
C TYR A 855 -30.32 14.12 -17.29
N LEU A 856 -29.80 13.00 -16.76
CA LEU A 856 -30.01 12.54 -15.38
C LEU A 856 -28.73 12.43 -14.58
N ASP A 857 -28.91 12.34 -13.26
CA ASP A 857 -27.84 12.15 -12.28
C ASP A 857 -27.81 10.65 -11.99
N PHE A 858 -26.65 10.00 -12.17
CA PHE A 858 -26.42 8.58 -11.90
C PHE A 858 -25.31 8.41 -10.85
N SER A 859 -25.02 9.47 -10.07
CA SER A 859 -23.98 9.46 -9.01
C SER A 859 -24.31 8.54 -7.82
N LYS A 860 -25.59 8.18 -7.63
CA LYS A 860 -26.04 7.25 -6.58
C LYS A 860 -26.89 6.18 -7.28
N PRO A 861 -26.28 5.25 -8.06
CA PRO A 861 -27.11 4.29 -8.81
C PRO A 861 -27.81 3.25 -7.96
N ARG A 862 -28.89 2.67 -8.51
CA ARG A 862 -29.67 1.66 -7.82
C ARG A 862 -29.73 0.29 -8.52
N SER A 863 -29.35 0.25 -9.82
CA SER A 863 -29.32 -0.99 -10.63
C SER A 863 -28.22 -0.86 -11.69
N ARG A 865 -26.15 -3.02 -15.33
CA ARG A 865 -26.07 -4.03 -16.37
C ARG A 865 -24.73 -3.83 -17.08
N VAL A 866 -24.04 -4.94 -17.44
CA VAL A 866 -22.79 -4.85 -18.18
C VAL A 866 -22.92 -5.45 -19.58
N VAL A 867 -22.70 -4.62 -20.62
CA VAL A 867 -22.78 -4.99 -22.04
C VAL A 867 -21.40 -4.87 -22.75
N TYR A 868 -21.34 -5.25 -24.01
CA TYR A 868 -20.09 -5.20 -24.73
C TYR A 868 -19.97 -3.83 -25.31
N LYS A 869 -18.88 -3.59 -26.01
CA LYS A 869 -18.65 -2.33 -26.68
C LYS A 869 -18.08 -1.33 -25.71
#